data_6JAQ
#
_entry.id   6JAQ
#
_cell.length_a   84.620
_cell.length_b   84.620
_cell.length_c   146.230
_cell.angle_alpha   90.000
_cell.angle_beta   90.000
_cell.angle_gamma   90.000
#
_symmetry.space_group_name_H-M   'P 41 21 2'
#
loop_
_entity.id
_entity.type
_entity.pdbx_description
1 polymer 'ABC transporter, periplasmic substrate-binding protein'
2 non-polymer alpha-D-glucopyranose
3 non-polymer 'CITRIC ACID'
4 non-polymer 1,2-ETHANEDIOL
5 non-polymer GLYCEROL
6 water water
#
_entity_poly.entity_id   1
_entity_poly.type   'polypeptide(L)'
_entity_poly.pdbx_seq_one_letter_code
;QSGPVIRVAGDSTAVGEGGRWMKEMVEAWGKKTGTRVEYIDSPADTNDRLALYQQYWAARSPDVDVYMIDVIWPGIVAPH
ALDLKPYLTEAELKEFFPRIVQNNTIRGKLTSLPFFTDAGILYYRKDLLEKYGYTSPPRTWNELEQMAERVMEGERRAGN
RDFWGFVFQGKPYEGLTCDALEWIYSHGGGRIVEPDGTISVNNGRAALALNRAHGWVGRIAPQGVTSYAEEEARNVWQQG
NSLFMRNWPYAYALGQAEGSPIRGKFGVTVLPKASADAPNAATLGGWQLMVSAYSRYPKEAVDLVKYLASYEVQKDNAVR
LSRLPTRPALYTDRDVLARNPWFRDLLPVFQNAVSAPSDVAGARYNQVSEAIWTEVHSVLTGRKKGEQAVRDLEARIRRI
LRHHHHHH
;
_entity_poly.pdbx_strand_id   A
#
# COMPACT_ATOMS: atom_id res chain seq x y z
N GLY A 3 -29.68 11.07 -19.42
CA GLY A 3 -29.79 10.22 -18.20
C GLY A 3 -28.74 10.64 -17.19
N PRO A 4 -28.64 9.93 -16.05
CA PRO A 4 -27.64 10.17 -15.01
C PRO A 4 -26.19 10.18 -15.58
N VAL A 5 -25.35 11.05 -15.04
CA VAL A 5 -23.90 10.98 -15.21
C VAL A 5 -23.31 10.39 -13.90
N ILE A 6 -22.71 9.21 -13.95
CA ILE A 6 -22.10 8.58 -12.77
C ILE A 6 -20.63 8.99 -12.74
N ARG A 7 -20.25 9.65 -11.66
CA ARG A 7 -18.98 10.30 -11.54
C ARG A 7 -18.16 9.54 -10.52
N VAL A 8 -16.91 9.29 -10.85
CA VAL A 8 -16.04 8.45 -10.03
C VAL A 8 -14.74 9.17 -9.68
N ALA A 9 -14.36 9.18 -8.39
CA ALA A 9 -13.03 9.60 -7.96
C ALA A 9 -12.37 8.37 -7.36
N GLY A 10 -11.36 7.89 -7.99
CA GLY A 10 -10.64 6.70 -7.48
C GLY A 10 -9.35 6.47 -8.23
N ASP A 11 -8.29 6.24 -7.49
CA ASP A 11 -6.97 6.03 -8.05
C ASP A 11 -6.42 7.37 -8.59
N SER A 12 -5.23 7.32 -9.16
CA SER A 12 -4.52 8.51 -9.57
C SER A 12 -3.75 8.27 -10.86
N THR A 13 -3.86 9.18 -11.82
CA THR A 13 -2.99 9.13 -12.97
C THR A 13 -1.53 9.43 -12.64
N ALA A 14 -1.22 9.90 -11.44
CA ALA A 14 0.15 10.14 -11.04
C ALA A 14 0.82 8.91 -10.44
N VAL A 15 0.15 7.77 -10.37
CA VAL A 15 0.78 6.55 -9.84
C VAL A 15 0.61 5.38 -10.81
N GLY A 16 1.69 5.11 -11.55
CA GLY A 16 1.69 3.97 -12.51
C GLY A 16 0.58 4.12 -13.49
N GLU A 17 -0.12 3.02 -13.77
CA GLU A 17 -1.24 3.00 -14.71
C GLU A 17 -2.57 2.99 -14.03
N GLY A 18 -2.61 3.11 -12.68
CA GLY A 18 -3.88 3.03 -11.96
C GLY A 18 -4.99 3.96 -12.43
N GLY A 19 -4.73 5.25 -12.51
CA GLY A 19 -5.77 6.21 -12.93
C GLY A 19 -6.24 5.99 -14.34
N ARG A 20 -5.32 5.70 -15.25
CA ARG A 20 -5.66 5.45 -16.65
C ARG A 20 -6.54 4.19 -16.79
N TRP A 21 -6.13 3.12 -16.16
CA TRP A 21 -6.84 1.86 -16.13
C TRP A 21 -8.23 2.01 -15.45
N MET A 22 -8.28 2.73 -14.35
CA MET A 22 -9.55 2.96 -13.66
C MET A 22 -10.54 3.68 -14.59
N LYS A 23 -10.07 4.74 -15.24
CA LYS A 23 -10.96 5.49 -16.16
C LYS A 23 -11.41 4.58 -17.32
N GLU A 24 -10.48 3.78 -17.86
CA GLU A 24 -10.83 2.77 -18.84
C GLU A 24 -11.97 1.84 -18.36
N MET A 25 -11.85 1.30 -17.14
CA MET A 25 -12.86 0.35 -16.66
C MET A 25 -14.22 1.06 -16.49
N VAL A 26 -14.18 2.28 -15.99
CA VAL A 26 -15.41 3.06 -15.75
C VAL A 26 -16.07 3.36 -17.11
N GLU A 27 -15.26 3.76 -18.08
CA GLU A 27 -15.81 3.97 -19.43
C GLU A 27 -16.42 2.71 -20.06
N ALA A 28 -15.78 1.57 -19.80
CA ALA A 28 -16.32 0.29 -20.28
C ALA A 28 -17.66 -0.03 -19.65
N TRP A 29 -17.80 0.18 -18.32
CA TRP A 29 -19.09 0.03 -17.69
C TRP A 29 -20.16 0.98 -18.33
N GLY A 30 -19.76 2.23 -18.55
CA GLY A 30 -20.61 3.22 -19.17
C GLY A 30 -21.13 2.72 -20.52
N LYS A 31 -20.21 2.21 -21.31
CA LYS A 31 -20.55 1.79 -22.65
C LYS A 31 -21.44 0.52 -22.64
N LYS A 32 -21.10 -0.43 -21.77
CA LYS A 32 -21.86 -1.64 -21.69
C LYS A 32 -23.30 -1.39 -21.20
N THR A 33 -23.52 -0.41 -20.34
CA THR A 33 -24.82 -0.22 -19.76
C THR A 33 -25.58 0.96 -20.42
N GLY A 34 -24.96 1.69 -21.31
CA GLY A 34 -25.49 2.93 -21.83
C GLY A 34 -25.64 4.03 -20.80
N THR A 35 -24.64 4.25 -19.96
CA THR A 35 -24.72 5.23 -18.89
C THR A 35 -23.61 6.19 -19.06
N ARG A 36 -23.91 7.49 -19.00
CA ARG A 36 -22.85 8.45 -19.06
C ARG A 36 -22.02 8.37 -17.76
N VAL A 37 -20.72 8.58 -17.92
CA VAL A 37 -19.76 8.54 -16.79
C VAL A 37 -18.74 9.64 -16.92
N GLU A 38 -18.18 10.07 -15.79
CA GLU A 38 -17.04 10.97 -15.74
C GLU A 38 -16.06 10.47 -14.68
N TYR A 39 -14.78 10.61 -14.98
CA TYR A 39 -13.71 10.24 -14.06
C TYR A 39 -13.09 11.48 -13.54
N ILE A 40 -12.97 11.59 -12.22
CA ILE A 40 -12.30 12.70 -11.60
C ILE A 40 -10.97 12.17 -11.05
N ASP A 41 -9.89 12.81 -11.45
CA ASP A 41 -8.53 12.42 -11.03
C ASP A 41 -8.25 12.82 -9.56
N SER A 42 -7.24 12.17 -8.95
CA SER A 42 -6.90 12.39 -7.57
C SER A 42 -5.40 12.55 -7.45
N PRO A 43 -4.94 13.12 -6.34
CA PRO A 43 -3.48 13.23 -6.14
C PRO A 43 -2.90 11.88 -5.88
N ALA A 44 -1.58 11.76 -5.96
CA ALA A 44 -0.93 10.51 -5.81
C ALA A 44 -1.13 9.83 -4.41
N ASP A 45 -0.84 10.59 -3.38
CA ASP A 45 -0.68 10.04 -2.02
C ASP A 45 -2.03 9.90 -1.34
N THR A 46 -2.22 8.78 -0.65
CA THR A 46 -3.49 8.47 -0.03
C THR A 46 -3.99 9.59 0.94
N ASN A 47 -3.12 10.10 1.77
CA ASN A 47 -3.51 11.14 2.74
C ASN A 47 -3.91 12.44 2.06
N ASP A 48 -3.34 12.74 0.91
CA ASP A 48 -3.83 13.85 0.08
C ASP A 48 -5.20 13.56 -0.50
N ARG A 49 -5.41 12.32 -0.93
CA ARG A 49 -6.73 11.97 -1.44
C ARG A 49 -7.79 12.06 -0.39
N LEU A 50 -7.49 11.63 0.83
CA LEU A 50 -8.46 11.71 1.94
C LEU A 50 -8.88 13.15 2.14
N ALA A 51 -7.93 14.07 2.15
CA ALA A 51 -8.25 15.48 2.34
C ALA A 51 -9.09 16.01 1.25
N LEU A 52 -8.81 15.63 0.02
CA LEU A 52 -9.64 16.05 -1.08
C LEU A 52 -11.07 15.53 -0.95
N TYR A 53 -11.20 14.22 -0.76
CA TYR A 53 -12.54 13.65 -0.71
C TYR A 53 -13.32 14.21 0.48
N GLN A 54 -12.62 14.48 1.60
CA GLN A 54 -13.26 15.06 2.79
CA GLN A 54 -13.30 15.05 2.76
C GLN A 54 -13.96 16.39 2.46
N GLN A 55 -13.43 17.11 1.47
CA GLN A 55 -14.08 18.37 1.04
C GLN A 55 -15.43 18.04 0.43
N TYR A 56 -15.51 17.00 -0.41
CA TYR A 56 -16.78 16.66 -0.98
C TYR A 56 -17.72 16.21 0.12
N TRP A 57 -17.22 15.37 1.02
CA TRP A 57 -18.09 14.80 2.08
C TRP A 57 -18.65 15.84 3.02
N ALA A 58 -17.79 16.76 3.42
CA ALA A 58 -18.20 17.83 4.33
C ALA A 58 -19.34 18.63 3.70
N ALA A 59 -19.26 18.82 2.38
CA ALA A 59 -20.29 19.52 1.62
C ALA A 59 -21.52 18.68 1.27
N ARG A 60 -21.55 17.38 1.62
CA ARG A 60 -22.58 16.46 1.21
C ARG A 60 -22.73 16.54 -0.32
N SER A 61 -21.60 16.68 -1.02
CA SER A 61 -21.66 16.89 -2.46
C SER A 61 -22.16 15.71 -3.26
N PRO A 62 -23.12 15.97 -4.15
CA PRO A 62 -23.58 14.94 -5.07
C PRO A 62 -22.69 14.76 -6.32
N ASP A 63 -21.61 15.53 -6.38
CA ASP A 63 -20.78 15.64 -7.57
C ASP A 63 -19.82 14.45 -7.77
N VAL A 64 -19.75 13.52 -6.79
CA VAL A 64 -19.05 12.23 -6.98
C VAL A 64 -19.96 11.16 -6.43
N ASP A 65 -20.22 10.12 -7.25
CA ASP A 65 -21.05 9.00 -6.90
C ASP A 65 -20.31 7.80 -6.27
N VAL A 66 -19.10 7.59 -6.69
CA VAL A 66 -18.27 6.43 -6.32
C VAL A 66 -16.87 6.91 -5.99
N TYR A 67 -16.35 6.43 -4.86
CA TYR A 67 -14.99 6.76 -4.44
C TYR A 67 -14.21 5.45 -4.27
N MET A 68 -12.91 5.46 -4.58
CA MET A 68 -12.02 4.37 -4.21
C MET A 68 -11.34 4.78 -2.92
N ILE A 69 -11.57 3.99 -1.86
CA ILE A 69 -11.13 4.32 -0.54
C ILE A 69 -10.05 3.32 -0.01
N ASP A 70 -9.16 3.84 0.85
CA ASP A 70 -8.03 3.06 1.34
C ASP A 70 -8.53 2.12 2.44
N VAL A 71 -7.80 1.01 2.63
CA VAL A 71 -8.10 -0.02 3.62
C VAL A 71 -8.15 0.55 5.04
N ILE A 72 -7.40 1.61 5.24
CA ILE A 72 -7.29 2.35 6.49
C ILE A 72 -8.44 3.35 6.73
N TRP A 73 -9.34 3.55 5.77
CA TRP A 73 -10.34 4.57 5.89
C TRP A 73 -11.73 4.18 6.40
N PRO A 74 -12.14 2.90 6.32
CA PRO A 74 -13.56 2.69 6.69
C PRO A 74 -14.06 3.33 7.99
N GLY A 75 -13.26 3.27 9.03
CA GLY A 75 -13.65 3.85 10.32
C GLY A 75 -13.81 5.39 10.26
N ILE A 76 -13.06 6.03 9.38
CA ILE A 76 -13.12 7.48 9.14
C ILE A 76 -14.32 7.83 8.28
N VAL A 77 -14.57 7.06 7.20
CA VAL A 77 -15.45 7.53 6.11
C VAL A 77 -16.85 6.94 6.19
N ALA A 78 -17.08 6.07 7.15
CA ALA A 78 -18.35 5.37 7.21
C ALA A 78 -19.62 6.24 7.08
N PRO A 79 -19.67 7.40 7.80
CA PRO A 79 -20.85 8.25 7.63
C PRO A 79 -21.11 8.69 6.20
N HIS A 80 -20.09 8.67 5.37
CA HIS A 80 -20.18 9.17 3.99
C HIS A 80 -20.48 8.03 2.99
N ALA A 81 -20.61 6.80 3.49
CA ALA A 81 -20.79 5.60 2.68
C ALA A 81 -22.24 5.13 2.68
N LEU A 82 -22.74 4.78 1.50
CA LEU A 82 -24.01 4.04 1.46
C LEU A 82 -23.75 2.61 1.94
N ASP A 83 -24.57 2.09 2.84
CA ASP A 83 -24.48 0.71 3.28
C ASP A 83 -24.79 -0.20 2.10
N LEU A 84 -23.77 -0.97 1.72
CA LEU A 84 -23.89 -1.89 0.59
C LEU A 84 -24.51 -3.26 0.94
N LYS A 85 -24.64 -3.55 2.22
CA LYS A 85 -25.07 -4.85 2.64
C LYS A 85 -26.37 -5.32 2.00
N PRO A 86 -27.36 -4.42 1.87
CA PRO A 86 -28.64 -4.81 1.30
C PRO A 86 -28.55 -5.10 -0.17
N TYR A 87 -27.47 -4.72 -0.84
CA TYR A 87 -27.37 -4.91 -2.27
C TYR A 87 -26.66 -6.18 -2.70
N LEU A 88 -26.07 -6.90 -1.78
CA LEU A 88 -25.37 -8.12 -2.09
C LEU A 88 -25.97 -9.27 -1.37
N THR A 89 -26.01 -10.42 -2.03
CA THR A 89 -26.40 -11.65 -1.32
C THR A 89 -25.24 -12.12 -0.49
N GLU A 90 -25.54 -13.01 0.45
CA GLU A 90 -24.46 -13.61 1.29
C GLU A 90 -23.49 -14.38 0.39
N ALA A 91 -23.98 -15.04 -0.66
CA ALA A 91 -23.08 -15.81 -1.50
C ALA A 91 -22.10 -14.86 -2.24
N GLU A 92 -22.63 -13.77 -2.77
CA GLU A 92 -21.84 -12.78 -3.45
C GLU A 92 -20.74 -12.23 -2.59
N LEU A 93 -21.08 -11.96 -1.33
CA LEU A 93 -20.18 -11.31 -0.41
C LEU A 93 -19.11 -12.30 0.03
N LYS A 94 -19.45 -13.60 0.06
CA LYS A 94 -18.45 -14.60 0.40
C LYS A 94 -17.44 -14.87 -0.72
N GLU A 95 -17.64 -14.33 -1.89
CA GLU A 95 -16.63 -14.50 -2.95
C GLU A 95 -15.36 -13.62 -2.73
N PHE A 96 -15.45 -12.70 -1.78
CA PHE A 96 -14.33 -11.86 -1.36
C PHE A 96 -13.65 -12.42 -0.13
N PHE A 97 -12.39 -12.04 0.10
CA PHE A 97 -11.72 -12.42 1.33
C PHE A 97 -12.50 -11.93 2.56
N PRO A 98 -12.84 -12.85 3.46
CA PRO A 98 -13.63 -12.41 4.69
C PRO A 98 -12.92 -11.34 5.50
N ARG A 99 -11.60 -11.40 5.58
CA ARG A 99 -10.83 -10.41 6.37
C ARG A 99 -11.10 -8.97 5.83
N ILE A 100 -11.18 -8.82 4.52
CA ILE A 100 -11.30 -7.48 3.95
C ILE A 100 -12.76 -7.01 4.05
N VAL A 101 -13.69 -7.92 3.83
CA VAL A 101 -15.11 -7.59 4.04
C VAL A 101 -15.30 -7.12 5.50
N GLN A 102 -14.69 -7.79 6.44
CA GLN A 102 -14.77 -7.41 7.87
C GLN A 102 -14.10 -6.03 8.11
N ASN A 103 -12.93 -5.82 7.47
CA ASN A 103 -12.24 -4.53 7.55
C ASN A 103 -13.19 -3.42 7.11
N ASN A 104 -13.94 -3.68 6.04
CA ASN A 104 -14.80 -2.70 5.40
C ASN A 104 -16.19 -2.53 6.08
N THR A 105 -16.43 -3.28 7.15
CA THR A 105 -17.73 -3.30 7.79
C THR A 105 -17.56 -2.60 9.12
N ILE A 106 -18.22 -1.45 9.27
CA ILE A 106 -18.06 -0.64 10.47
C ILE A 106 -19.47 -0.51 11.17
N ARG A 107 -19.58 -1.04 12.36
CA ARG A 107 -20.87 -1.02 13.16
C ARG A 107 -21.97 -1.59 12.28
N GLY A 108 -21.65 -2.72 11.62
CA GLY A 108 -22.61 -3.44 10.76
C GLY A 108 -22.83 -2.91 9.38
N LYS A 109 -22.28 -1.72 9.10
CA LYS A 109 -22.44 -1.12 7.79
C LYS A 109 -21.33 -1.64 6.85
N LEU A 110 -21.69 -2.13 5.69
CA LEU A 110 -20.65 -2.55 4.70
C LEU A 110 -20.38 -1.26 3.92
N THR A 111 -19.24 -0.63 4.22
CA THR A 111 -18.92 0.67 3.67
C THR A 111 -18.54 0.60 2.20
N SER A 112 -18.04 -0.55 1.79
CA SER A 112 -17.35 -0.62 0.51
C SER A 112 -17.05 -2.05 0.13
N LEU A 113 -16.99 -2.30 -1.18
CA LEU A 113 -16.59 -3.65 -1.61
C LEU A 113 -15.07 -3.72 -1.75
N PRO A 114 -14.47 -4.84 -1.36
CA PRO A 114 -13.04 -5.04 -1.60
C PRO A 114 -12.72 -4.96 -3.09
N PHE A 115 -11.67 -4.28 -3.49
CA PHE A 115 -11.39 -4.10 -4.90
C PHE A 115 -10.07 -4.77 -5.21
N PHE A 116 -8.98 -4.24 -4.68
CA PHE A 116 -7.68 -4.93 -4.72
C PHE A 116 -7.01 -4.80 -3.39
N THR A 117 -6.26 -5.82 -3.01
CA THR A 117 -5.54 -5.79 -1.74
C THR A 117 -4.03 -5.41 -2.08
N ASP A 118 -3.17 -5.44 -1.10
CA ASP A 118 -1.82 -4.92 -1.27
C ASP A 118 -1.03 -5.45 -0.09
N ALA A 119 0.26 -5.61 -0.30
CA ALA A 119 1.20 -6.01 0.74
C ALA A 119 2.56 -5.54 0.34
N GLY A 120 3.31 -5.04 1.29
CA GLY A 120 4.66 -4.64 1.00
C GLY A 120 5.59 -5.80 0.74
N ILE A 121 6.39 -5.72 -0.32
CA ILE A 121 7.28 -6.76 -0.66
C ILE A 121 8.67 -6.23 -1.05
N LEU A 122 9.59 -7.17 -1.15
CA LEU A 122 10.97 -6.86 -1.56
C LEU A 122 11.17 -7.17 -3.02
N TYR A 123 11.52 -6.15 -3.79
CA TYR A 123 11.95 -6.27 -5.18
C TYR A 123 13.48 -6.37 -5.19
N TYR A 124 14.04 -7.28 -6.03
CA TYR A 124 15.49 -7.46 -6.09
C TYR A 124 15.98 -7.76 -7.46
N ARG A 125 17.12 -7.21 -7.81
CA ARG A 125 17.74 -7.42 -9.12
C ARG A 125 18.48 -8.79 -9.10
N LYS A 126 17.88 -9.76 -9.74
CA LYS A 126 18.44 -11.14 -9.83
C LYS A 126 19.79 -11.13 -10.62
N ASP A 127 19.88 -10.35 -11.67
CA ASP A 127 21.11 -10.26 -12.48
C ASP A 127 22.26 -9.81 -11.61
N LEU A 128 22.01 -8.82 -10.73
CA LEU A 128 23.06 -8.26 -9.91
C LEU A 128 23.43 -9.19 -8.76
N LEU A 129 22.45 -9.85 -8.15
CA LEU A 129 22.77 -10.82 -7.12
C LEU A 129 23.72 -11.92 -7.73
N GLU A 130 23.35 -12.43 -8.90
CA GLU A 130 24.15 -13.43 -9.58
C GLU A 130 25.55 -12.87 -9.92
N LYS A 131 25.63 -11.64 -10.42
CA LYS A 131 26.89 -11.03 -10.77
C LYS A 131 27.82 -10.96 -9.59
N TYR A 132 27.26 -10.75 -8.38
CA TYR A 132 28.10 -10.58 -7.20
C TYR A 132 28.16 -11.83 -6.30
N GLY A 133 27.77 -12.98 -6.82
CA GLY A 133 27.97 -14.24 -6.13
C GLY A 133 26.87 -14.64 -5.14
N TYR A 134 25.70 -13.99 -5.14
CA TYR A 134 24.65 -14.28 -4.19
C TYR A 134 23.63 -15.19 -4.89
N THR A 135 23.16 -16.23 -4.26
CA THR A 135 22.21 -17.16 -4.88
C THR A 135 20.75 -16.94 -4.44
N SER A 136 20.50 -16.16 -3.40
CA SER A 136 19.17 -15.95 -2.83
C SER A 136 19.03 -14.49 -2.41
N PRO A 137 17.82 -13.93 -2.49
CA PRO A 137 17.63 -12.59 -1.88
C PRO A 137 17.85 -12.63 -0.39
N PRO A 138 18.10 -11.48 0.21
CA PRO A 138 18.38 -11.49 1.66
C PRO A 138 17.20 -11.87 2.53
N ARG A 139 17.46 -12.62 3.62
CA ARG A 139 16.41 -12.98 4.60
C ARG A 139 16.40 -12.12 5.81
N THR A 140 17.53 -11.47 6.10
CA THR A 140 17.69 -10.62 7.23
C THR A 140 18.08 -9.22 6.73
N TRP A 141 17.78 -8.22 7.54
CA TRP A 141 18.16 -6.88 7.23
C TRP A 141 19.69 -6.73 7.16
N ASN A 142 20.40 -7.40 8.07
CA ASN A 142 21.88 -7.38 7.97
C ASN A 142 22.35 -7.91 6.61
N GLU A 143 21.76 -8.98 6.09
CA GLU A 143 22.14 -9.49 4.81
C GLU A 143 21.80 -8.46 3.75
N LEU A 144 20.66 -7.82 3.86
CA LEU A 144 20.30 -6.82 2.85
C LEU A 144 21.38 -5.70 2.79
N GLU A 145 21.88 -5.31 3.95
CA GLU A 145 22.83 -4.23 4.05
C GLU A 145 24.16 -4.69 3.46
N GLN A 146 24.59 -5.90 3.80
CA GLN A 146 25.87 -6.45 3.30
C GLN A 146 25.89 -6.57 1.79
N MET A 147 24.80 -7.09 1.24
CA MET A 147 24.66 -7.22 -0.20
C MET A 147 24.59 -5.88 -0.91
N ALA A 148 23.84 -4.93 -0.34
CA ALA A 148 23.74 -3.59 -0.89
C ALA A 148 25.08 -2.90 -0.89
N GLU A 149 25.81 -3.00 0.18
CA GLU A 149 27.16 -2.36 0.23
C GLU A 149 28.11 -2.94 -0.84
N ARG A 150 28.12 -4.25 -1.04
CA ARG A 150 29.03 -4.84 -1.97
C ARG A 150 28.61 -4.55 -3.40
N VAL A 151 27.33 -4.70 -3.73
CA VAL A 151 26.89 -4.42 -5.07
C VAL A 151 27.06 -2.95 -5.43
N MET A 152 26.74 -2.06 -4.51
CA MET A 152 26.95 -0.64 -4.74
C MET A 152 28.38 -0.29 -5.02
N GLU A 153 29.29 -0.82 -4.19
CA GLU A 153 30.73 -0.59 -4.41
C GLU A 153 31.12 -1.00 -5.82
N GLY A 154 30.67 -2.17 -6.26
CA GLY A 154 31.06 -2.66 -7.57
C GLY A 154 30.48 -1.87 -8.69
N GLU A 155 29.21 -1.50 -8.58
CA GLU A 155 28.54 -0.82 -9.67
C GLU A 155 29.01 0.64 -9.78
N ARG A 156 29.24 1.30 -8.65
CA ARG A 156 29.76 2.65 -8.66
C ARG A 156 31.16 2.61 -9.33
N ARG A 157 31.95 1.61 -9.00
CA ARG A 157 33.26 1.46 -9.57
C ARG A 157 33.17 1.22 -11.08
N ALA A 158 32.20 0.48 -11.56
CA ALA A 158 32.04 0.29 -12.95
C ALA A 158 31.45 1.54 -13.64
N GLY A 159 31.15 2.61 -12.90
CA GLY A 159 30.76 3.82 -13.54
C GLY A 159 29.31 4.23 -13.44
N ASN A 160 28.46 3.51 -12.70
CA ASN A 160 27.09 3.95 -12.62
C ASN A 160 26.96 4.85 -11.41
N ARG A 161 27.09 6.16 -11.63
CA ARG A 161 27.07 7.08 -10.50
C ARG A 161 25.64 7.19 -9.91
N ASP A 162 24.65 6.66 -10.61
CA ASP A 162 23.31 6.76 -10.11
C ASP A 162 22.88 5.58 -9.24
N PHE A 163 23.76 4.61 -9.10
CA PHE A 163 23.40 3.35 -8.46
C PHE A 163 23.32 3.40 -6.92
N TRP A 164 22.25 2.84 -6.38
CA TRP A 164 22.06 2.66 -4.97
C TRP A 164 21.72 1.23 -4.61
N GLY A 165 21.92 0.94 -3.32
CA GLY A 165 21.54 -0.37 -2.76
C GLY A 165 20.06 -0.61 -2.53
N PHE A 166 19.34 0.41 -2.06
CA PHE A 166 18.00 0.20 -1.54
C PHE A 166 17.20 1.49 -1.68
N VAL A 167 15.95 1.40 -2.18
CA VAL A 167 15.05 2.53 -2.21
C VAL A 167 13.72 2.10 -1.56
N PHE A 168 13.04 3.05 -0.94
CA PHE A 168 11.84 2.75 -0.17
C PHE A 168 11.06 4.05 -0.06
N GLN A 169 9.98 4.06 0.72
CA GLN A 169 9.20 5.26 0.89
C GLN A 169 9.56 5.97 2.19
N GLY A 170 10.37 7.06 2.09
CA GLY A 170 10.79 7.77 3.32
C GLY A 170 10.22 9.20 3.45
N LYS A 171 9.34 9.60 2.53
CA LYS A 171 8.63 10.86 2.57
C LYS A 171 7.71 10.93 3.81
N PRO A 172 7.45 12.14 4.34
CA PRO A 172 6.53 12.21 5.49
C PRO A 172 5.09 12.15 5.05
N TYR A 173 4.55 10.93 4.97
CA TYR A 173 3.15 10.73 4.52
C TYR A 173 2.77 9.28 4.94
N GLU A 174 1.58 8.84 4.54
CA GLU A 174 1.10 7.54 4.93
C GLU A 174 2.03 6.39 4.55
N GLY A 175 2.64 6.44 3.37
CA GLY A 175 3.53 5.39 2.98
C GLY A 175 4.70 5.12 3.87
N LEU A 176 5.16 6.15 4.58
CA LEU A 176 6.19 5.98 5.57
C LEU A 176 5.67 5.21 6.78
N THR A 177 4.45 5.48 7.19
CA THR A 177 3.82 4.67 8.25
C THR A 177 3.83 3.18 7.83
N CYS A 178 3.46 2.90 6.56
CA CYS A 178 3.51 1.55 6.06
C CYS A 178 4.90 0.90 6.10
N ASP A 179 5.93 1.64 5.62
CA ASP A 179 7.27 1.15 5.62
C ASP A 179 7.71 0.92 7.09
N ALA A 180 7.36 1.85 7.96
CA ALA A 180 7.87 1.80 9.31
C ALA A 180 7.24 0.71 10.15
N LEU A 181 5.98 0.38 9.89
CA LEU A 181 5.31 -0.75 10.56
C LEU A 181 6.08 -2.01 10.19
N GLU A 182 6.47 -2.15 8.92
CA GLU A 182 7.24 -3.31 8.50
C GLU A 182 8.59 -3.39 9.26
N TRP A 183 9.30 -2.27 9.35
CA TRP A 183 10.61 -2.25 10.06
C TRP A 183 10.38 -2.69 11.51
N ILE A 184 9.45 -2.03 12.18
CA ILE A 184 9.19 -2.27 13.59
C ILE A 184 8.78 -3.73 13.83
N TYR A 185 7.82 -4.17 13.06
CA TYR A 185 7.24 -5.48 13.29
C TYR A 185 8.27 -6.56 13.00
N SER A 186 9.07 -6.37 11.92
CA SER A 186 10.12 -7.34 11.54
C SER A 186 11.31 -7.37 12.49
N HIS A 187 11.38 -6.41 13.41
CA HIS A 187 12.40 -6.48 14.47
C HIS A 187 11.79 -7.02 15.78
N GLY A 188 10.54 -7.49 15.75
CA GLY A 188 9.88 -7.99 17.00
C GLY A 188 9.43 -6.88 17.89
N GLY A 189 9.23 -5.70 17.29
CA GLY A 189 8.85 -4.53 18.02
C GLY A 189 7.37 -4.21 18.14
N GLY A 190 6.53 -5.09 17.58
CA GLY A 190 5.11 -4.91 17.73
C GLY A 190 4.47 -4.14 16.58
N ARG A 191 3.22 -3.70 16.81
CA ARG A 191 2.34 -3.16 15.77
C ARG A 191 2.05 -1.67 15.98
N ILE A 192 2.88 -1.03 16.81
CA ILE A 192 2.80 0.36 17.16
C ILE A 192 1.68 0.66 18.16
N VAL A 193 0.43 0.44 17.71
CA VAL A 193 -0.69 0.33 18.60
C VAL A 193 -1.29 -1.03 18.37
N GLU A 194 -1.39 -1.82 19.43
CA GLU A 194 -1.88 -3.19 19.29
C GLU A 194 -3.41 -3.23 19.09
N PRO A 195 -3.96 -4.33 18.52
CA PRO A 195 -5.39 -4.39 18.32
C PRO A 195 -6.21 -4.19 19.59
N ASP A 196 -5.65 -4.52 20.74
CA ASP A 196 -6.34 -4.35 22.02
C ASP A 196 -6.26 -2.92 22.57
N GLY A 197 -5.52 -2.05 21.90
CA GLY A 197 -5.46 -0.67 22.32
C GLY A 197 -4.13 -0.26 22.93
N THR A 198 -3.31 -1.25 23.31
CA THR A 198 -2.06 -0.99 23.97
C THR A 198 -1.11 -0.26 23.01
N ILE A 199 -0.56 0.86 23.45
CA ILE A 199 0.42 1.59 22.67
C ILE A 199 1.76 1.01 23.03
N SER A 200 2.34 0.19 22.17
CA SER A 200 3.42 -0.66 22.54
C SER A 200 4.74 -0.17 21.99
N VAL A 201 4.72 0.92 21.19
CA VAL A 201 5.88 1.28 20.33
C VAL A 201 7.17 1.70 21.13
N ASN A 202 7.00 2.11 22.37
CA ASN A 202 8.19 2.49 23.15
C ASN A 202 8.86 1.25 23.71
N ASN A 203 9.68 0.63 22.86
CA ASN A 203 10.45 -0.53 23.26
C ASN A 203 11.73 -0.48 22.44
N GLY A 204 12.71 -1.22 22.93
CA GLY A 204 14.03 -1.29 22.34
C GLY A 204 14.11 -1.84 20.94
N ARG A 205 13.20 -2.76 20.59
CA ARG A 205 13.21 -3.37 19.27
C ARG A 205 12.69 -2.41 18.25
N ALA A 206 11.64 -1.68 18.60
CA ALA A 206 11.13 -0.63 17.70
C ALA A 206 12.18 0.48 17.51
N ALA A 207 12.81 0.90 18.60
CA ALA A 207 13.91 1.89 18.52
C ALA A 207 15.00 1.41 17.60
N LEU A 208 15.43 0.14 17.71
CA LEU A 208 16.49 -0.37 16.89
C LEU A 208 16.07 -0.37 15.42
N ALA A 209 14.82 -0.79 15.15
CA ALA A 209 14.34 -0.79 13.79
C ALA A 209 14.43 0.63 13.13
N LEU A 210 14.08 1.68 13.89
CA LEU A 210 14.17 3.04 13.41
C LEU A 210 15.65 3.50 13.21
N ASN A 211 16.51 3.18 14.19
CA ASN A 211 17.97 3.49 14.07
C ASN A 211 18.57 2.80 12.83
N ARG A 212 18.20 1.51 12.59
CA ARG A 212 18.65 0.80 11.44
C ARG A 212 18.24 1.52 10.15
N ALA A 213 17.01 1.99 10.08
CA ALA A 213 16.55 2.66 8.88
C ALA A 213 17.29 4.01 8.68
N HIS A 214 17.56 4.72 9.76
CA HIS A 214 18.34 5.93 9.67
C HIS A 214 19.73 5.60 9.07
N GLY A 215 20.29 4.48 9.48
CA GLY A 215 21.58 3.99 9.00
C GLY A 215 21.64 3.75 7.52
N TRP A 216 20.49 3.56 6.84
CA TRP A 216 20.49 3.47 5.41
C TRP A 216 20.67 4.78 4.68
N VAL A 217 20.18 5.88 5.26
CA VAL A 217 19.97 7.11 4.52
C VAL A 217 21.32 7.75 4.19
N GLY A 218 21.51 7.90 2.89
CA GLY A 218 22.71 8.45 2.33
C GLY A 218 23.84 7.49 2.32
N ARG A 219 23.57 6.22 2.60
CA ARG A 219 24.60 5.19 2.73
C ARG A 219 24.25 4.11 1.71
N ILE A 220 23.25 3.25 1.94
CA ILE A 220 22.81 2.35 0.87
C ILE A 220 21.57 2.87 0.12
N ALA A 221 20.94 3.88 0.72
CA ALA A 221 19.75 4.54 0.13
C ALA A 221 20.11 5.99 -0.12
N PRO A 222 19.53 6.61 -1.15
CA PRO A 222 19.85 8.00 -1.43
C PRO A 222 19.50 8.88 -0.28
N GLN A 223 20.20 10.00 -0.15
CA GLN A 223 19.84 10.99 0.79
C GLN A 223 18.39 11.43 0.56
N GLY A 224 18.00 11.52 -0.70
CA GLY A 224 16.72 12.07 -1.05
C GLY A 224 15.59 11.07 -0.76
N VAL A 225 15.91 9.88 -0.21
CA VAL A 225 14.87 8.89 0.12
C VAL A 225 13.88 9.45 1.13
N THR A 226 14.31 10.43 1.95
CA THR A 226 13.44 11.05 2.87
C THR A 226 12.33 11.94 2.24
N SER A 227 12.32 12.06 0.92
CA SER A 227 11.23 12.66 0.18
CA SER A 227 11.21 12.64 0.18
C SER A 227 10.56 11.70 -0.81
N TYR A 228 10.93 10.42 -0.78
CA TYR A 228 10.39 9.48 -1.74
C TYR A 228 9.04 8.91 -1.30
N ALA A 229 8.09 8.93 -2.22
CA ALA A 229 6.87 8.14 -2.11
C ALA A 229 7.03 6.92 -3.06
N GLU A 230 5.93 6.21 -3.34
CA GLU A 230 5.97 5.00 -4.12
C GLU A 230 6.64 5.19 -5.48
N GLU A 231 6.24 6.25 -6.21
CA GLU A 231 6.75 6.46 -7.54
C GLU A 231 8.19 6.92 -7.61
N GLU A 232 8.64 7.72 -6.64
CA GLU A 232 10.05 8.12 -6.60
C GLU A 232 10.97 6.97 -6.42
N ALA A 233 10.58 6.07 -5.51
CA ALA A 233 11.35 4.84 -5.31
C ALA A 233 11.29 3.97 -6.60
N ARG A 234 10.09 3.78 -7.15
CA ARG A 234 9.99 2.97 -8.33
C ARG A 234 10.87 3.51 -9.51
N ASN A 235 10.94 4.82 -9.67
CA ASN A 235 11.63 5.35 -10.83
CA ASN A 235 11.67 5.45 -10.78
C ASN A 235 13.16 5.10 -10.75
N VAL A 236 13.75 5.20 -9.57
CA VAL A 236 15.15 4.85 -9.41
C VAL A 236 15.37 3.38 -9.68
N TRP A 237 14.50 2.56 -9.12
CA TRP A 237 14.54 1.12 -9.33
C TRP A 237 14.35 0.75 -10.81
N GLN A 238 13.39 1.39 -11.42
CA GLN A 238 13.00 0.96 -12.74
C GLN A 238 13.97 1.36 -13.83
N GLN A 239 14.68 2.43 -13.57
CA GLN A 239 15.77 2.83 -14.44
C GLN A 239 17.01 1.93 -14.29
N GLY A 240 16.96 0.96 -13.38
CA GLY A 240 18.12 0.07 -13.16
C GLY A 240 19.10 0.50 -12.10
N ASN A 241 18.72 1.44 -11.27
CA ASN A 241 19.66 2.07 -10.34
C ASN A 241 19.48 1.71 -8.86
N SER A 242 18.80 0.57 -8.59
CA SER A 242 18.73 0.10 -7.20
C SER A 242 18.75 -1.43 -7.14
N LEU A 243 19.60 -1.98 -6.32
CA LEU A 243 19.69 -3.44 -6.10
C LEU A 243 18.34 -3.96 -5.54
N PHE A 244 17.82 -3.21 -4.58
CA PHE A 244 16.63 -3.58 -3.81
C PHE A 244 15.60 -2.43 -3.80
N MET A 245 14.32 -2.80 -3.71
CA MET A 245 13.26 -1.80 -3.44
C MET A 245 12.21 -2.41 -2.60
N ARG A 246 11.75 -1.69 -1.61
CA ARG A 246 10.48 -2.03 -0.95
C ARG A 246 9.37 -1.31 -1.66
N ASN A 247 8.35 -2.01 -2.10
CA ASN A 247 7.19 -1.39 -2.69
C ASN A 247 6.01 -2.40 -2.75
N TRP A 248 4.90 -1.96 -3.34
CA TRP A 248 3.70 -2.77 -3.47
C TRP A 248 3.75 -3.53 -4.85
N PRO A 249 2.90 -4.56 -5.00
CA PRO A 249 2.70 -5.33 -6.24
C PRO A 249 2.65 -4.62 -7.56
N TYR A 250 2.05 -3.42 -7.61
CA TYR A 250 1.83 -2.73 -8.88
C TYR A 250 3.14 -2.47 -9.64
N ALA A 251 4.25 -2.38 -8.93
CA ALA A 251 5.48 -2.07 -9.61
C ALA A 251 6.00 -3.18 -10.46
N TYR A 252 5.53 -4.40 -10.21
CA TYR A 252 5.99 -5.58 -10.98
C TYR A 252 5.62 -5.46 -12.44
N ALA A 253 4.36 -5.24 -12.77
CA ALA A 253 3.95 -5.20 -14.16
C ALA A 253 4.64 -4.03 -14.91
N LEU A 254 4.82 -2.92 -14.21
CA LEU A 254 5.47 -1.75 -14.77
C LEU A 254 6.95 -2.06 -15.10
N GLY A 255 7.63 -2.76 -14.20
CA GLY A 255 9.00 -3.15 -14.44
C GLY A 255 9.17 -4.15 -15.57
N GLN A 256 8.12 -4.92 -15.88
CA GLN A 256 8.16 -5.92 -16.94
C GLN A 256 7.72 -5.37 -18.28
N ALA A 257 7.29 -4.13 -18.32
CA ALA A 257 6.70 -3.61 -19.54
C ALA A 257 7.81 -3.47 -20.60
N GLU A 258 7.42 -3.58 -21.84
CA GLU A 258 8.40 -3.45 -22.94
C GLU A 258 9.00 -2.10 -22.82
N GLY A 259 10.32 -2.01 -22.95
CA GLY A 259 10.97 -0.72 -22.77
C GLY A 259 11.41 -0.41 -21.34
N SER A 260 10.98 -1.20 -20.35
CA SER A 260 11.59 -1.08 -19.05
C SER A 260 13.04 -1.55 -19.09
N PRO A 261 13.99 -0.76 -18.60
CA PRO A 261 15.37 -1.18 -18.53
C PRO A 261 15.61 -2.43 -17.69
N ILE A 262 14.67 -2.78 -16.81
CA ILE A 262 14.90 -3.90 -15.94
C ILE A 262 14.02 -5.10 -16.25
N ARG A 263 13.36 -5.09 -17.38
CA ARG A 263 12.48 -6.20 -17.76
C ARG A 263 13.28 -7.52 -17.73
N GLY A 264 12.68 -8.54 -17.09
CA GLY A 264 13.26 -9.84 -16.91
C GLY A 264 14.45 -9.92 -15.97
N LYS A 265 14.80 -8.84 -15.28
CA LYS A 265 15.98 -8.85 -14.39
C LYS A 265 15.70 -8.93 -12.87
N PHE A 266 14.42 -9.12 -12.48
CA PHE A 266 14.10 -8.96 -11.08
C PHE A 266 13.12 -10.00 -10.60
N GLY A 267 13.12 -10.18 -9.28
CA GLY A 267 12.11 -11.03 -8.65
C GLY A 267 11.59 -10.30 -7.44
N VAL A 268 10.64 -10.94 -6.80
CA VAL A 268 10.11 -10.42 -5.56
C VAL A 268 10.09 -11.49 -4.48
N THR A 269 10.12 -11.06 -3.23
CA THR A 269 10.11 -11.98 -2.10
C THR A 269 9.62 -11.24 -0.91
N VAL A 270 9.48 -11.93 0.23
CA VAL A 270 9.07 -11.28 1.47
C VAL A 270 10.15 -10.33 1.92
N LEU A 271 9.77 -9.25 2.57
CA LEU A 271 10.76 -8.37 3.11
C LEU A 271 11.65 -9.09 4.13
N PRO A 272 12.89 -8.65 4.26
CA PRO A 272 13.71 -9.25 5.32
C PRO A 272 13.25 -8.95 6.74
N LYS A 273 13.86 -9.64 7.69
CA LYS A 273 13.55 -9.41 9.10
C LYS A 273 14.82 -9.48 9.95
N ALA A 274 14.72 -9.08 11.21
CA ALA A 274 15.89 -8.81 12.02
C ALA A 274 16.59 -10.14 12.28
N SER A 275 15.84 -11.18 12.55
CA SER A 275 16.43 -12.48 12.79
C SER A 275 15.46 -13.59 12.48
N ALA A 276 15.94 -14.83 12.47
CA ALA A 276 15.07 -15.95 12.09
C ALA A 276 13.79 -16.05 12.89
N ASP A 277 13.79 -15.66 14.15
CA ASP A 277 12.57 -15.88 14.88
C ASP A 277 11.64 -14.66 14.96
N ALA A 278 12.00 -13.55 14.29
CA ALA A 278 11.12 -12.38 14.19
C ALA A 278 10.02 -12.71 13.23
N PRO A 279 8.89 -12.03 13.30
CA PRO A 279 7.86 -12.34 12.31
C PRO A 279 8.18 -11.66 10.97
N ASN A 280 7.68 -12.25 9.91
CA ASN A 280 7.78 -11.66 8.59
C ASN A 280 6.86 -10.45 8.63
N ALA A 281 7.26 -9.38 7.97
CA ALA A 281 6.42 -8.19 7.89
C ALA A 281 6.08 -7.81 6.45
N ALA A 282 4.79 -7.66 6.20
CA ALA A 282 4.26 -7.07 4.99
C ALA A 282 3.07 -6.23 5.46
N THR A 283 3.14 -4.93 5.30
CA THR A 283 1.98 -4.12 5.71
C THR A 283 0.81 -4.39 4.73
N LEU A 284 -0.38 -4.56 5.30
CA LEU A 284 -1.59 -4.80 4.52
C LEU A 284 -2.05 -3.45 3.97
N GLY A 285 -2.15 -3.35 2.66
CA GLY A 285 -2.74 -2.13 2.02
C GLY A 285 -3.99 -2.53 1.27
N GLY A 286 -4.42 -1.67 0.35
CA GLY A 286 -5.46 -2.05 -0.61
C GLY A 286 -6.54 -1.02 -0.67
N TRP A 287 -7.37 -1.15 -1.69
CA TRP A 287 -8.36 -0.15 -1.97
C TRP A 287 -9.71 -0.83 -2.11
N GLN A 288 -10.72 -0.06 -1.75
CA GLN A 288 -12.13 -0.56 -1.71
C GLN A 288 -12.98 0.40 -2.54
N LEU A 289 -14.21 -0.02 -2.87
CA LEU A 289 -15.13 0.79 -3.68
C LEU A 289 -16.36 1.20 -2.88
N MET A 290 -16.54 2.49 -2.72
CA MET A 290 -17.56 3.05 -1.85
C MET A 290 -18.60 3.84 -2.69
N VAL A 291 -19.88 3.60 -2.43
CA VAL A 291 -20.90 4.43 -3.03
C VAL A 291 -21.11 5.59 -2.08
N SER A 292 -21.17 6.78 -2.62
CA SER A 292 -21.35 7.94 -1.78
C SER A 292 -22.77 7.95 -1.13
N ALA A 293 -22.84 8.27 0.15
CA ALA A 293 -24.10 8.55 0.83
C ALA A 293 -24.79 9.75 0.23
N TYR A 294 -24.10 10.55 -0.54
CA TYR A 294 -24.63 11.81 -1.12
C TYR A 294 -24.91 11.62 -2.59
N SER A 295 -24.64 10.42 -3.14
CA SER A 295 -25.01 10.15 -4.53
C SER A 295 -26.55 10.23 -4.71
N ARG A 296 -26.93 10.90 -5.78
CA ARG A 296 -28.36 10.96 -6.19
C ARG A 296 -28.71 9.69 -6.98
N TYR A 297 -27.73 8.87 -7.33
CA TYR A 297 -27.98 7.68 -8.13
C TYR A 297 -27.47 6.35 -7.52
N PRO A 298 -27.98 5.98 -6.34
CA PRO A 298 -27.40 4.86 -5.57
C PRO A 298 -27.46 3.56 -6.33
N LYS A 299 -28.57 3.35 -7.06
CA LYS A 299 -28.76 2.08 -7.74
C LYS A 299 -27.74 1.93 -8.86
N GLU A 300 -27.57 2.96 -9.65
CA GLU A 300 -26.60 2.90 -10.70
C GLU A 300 -25.13 2.80 -10.18
N ALA A 301 -24.84 3.57 -9.13
CA ALA A 301 -23.51 3.60 -8.57
C ALA A 301 -23.17 2.20 -7.99
N VAL A 302 -24.14 1.53 -7.39
CA VAL A 302 -23.92 0.17 -6.85
C VAL A 302 -23.65 -0.80 -8.01
N ASP A 303 -24.38 -0.68 -9.08
CA ASP A 303 -24.14 -1.49 -10.27
CA ASP A 303 -24.13 -1.50 -10.26
C ASP A 303 -22.69 -1.28 -10.81
N LEU A 304 -22.24 -0.05 -10.89
CA LEU A 304 -20.86 0.20 -11.31
C LEU A 304 -19.83 -0.42 -10.33
N VAL A 305 -20.08 -0.29 -9.02
CA VAL A 305 -19.15 -0.85 -8.00
C VAL A 305 -19.10 -2.36 -8.08
N LYS A 306 -20.26 -3.01 -8.28
CA LYS A 306 -20.30 -4.46 -8.50
C LYS A 306 -19.54 -4.91 -9.76
N TYR A 307 -19.64 -4.15 -10.83
CA TYR A 307 -18.91 -4.44 -12.05
C TYR A 307 -17.39 -4.30 -11.84
N LEU A 308 -17.00 -3.21 -11.21
CA LEU A 308 -15.56 -2.94 -10.97
C LEU A 308 -14.97 -4.03 -10.09
N ALA A 309 -15.71 -4.48 -9.09
CA ALA A 309 -15.28 -5.54 -8.19
C ALA A 309 -15.49 -6.97 -8.73
N SER A 310 -15.98 -7.12 -9.93
CA SER A 310 -16.31 -8.42 -10.50
C SER A 310 -15.03 -9.23 -10.80
N TYR A 311 -15.26 -10.53 -11.07
CA TYR A 311 -14.17 -11.43 -11.35
C TYR A 311 -13.38 -10.93 -12.53
N GLU A 312 -14.06 -10.59 -13.62
CA GLU A 312 -13.29 -10.26 -14.84
CA GLU A 312 -13.46 -10.16 -14.85
C GLU A 312 -12.56 -8.90 -14.74
N VAL A 313 -13.08 -7.92 -14.02
CA VAL A 313 -12.32 -6.65 -13.91
C VAL A 313 -11.14 -6.85 -12.96
N GLN A 314 -11.34 -7.56 -11.85
CA GLN A 314 -10.21 -7.87 -10.95
C GLN A 314 -9.14 -8.70 -11.73
N LYS A 315 -9.57 -9.60 -12.59
CA LYS A 315 -8.68 -10.38 -13.37
C LYS A 315 -7.82 -9.48 -14.26
N ASP A 316 -8.44 -8.53 -14.94
CA ASP A 316 -7.72 -7.57 -15.79
C ASP A 316 -6.71 -6.77 -14.98
N ASN A 317 -7.11 -6.36 -13.77
CA ASN A 317 -6.28 -5.59 -12.86
C ASN A 317 -5.07 -6.47 -12.51
N ALA A 318 -5.28 -7.76 -12.29
CA ALA A 318 -4.17 -8.65 -11.95
C ALA A 318 -3.22 -8.90 -13.11
N VAL A 319 -3.79 -9.19 -14.26
CA VAL A 319 -3.00 -9.51 -15.42
C VAL A 319 -2.24 -8.30 -15.94
N ARG A 320 -2.92 -7.17 -16.06
CA ARG A 320 -2.29 -6.03 -16.70
C ARG A 320 -1.55 -5.10 -15.77
N LEU A 321 -1.99 -5.00 -14.51
CA LEU A 321 -1.42 -4.11 -13.53
C LEU A 321 -0.76 -4.78 -12.34
N SER A 322 -0.68 -6.12 -12.34
CA SER A 322 -0.15 -6.92 -11.23
C SER A 322 -0.61 -6.44 -9.85
N ARG A 323 -1.92 -6.12 -9.74
CA ARG A 323 -2.50 -5.76 -8.47
C ARG A 323 -3.36 -6.92 -7.96
N LEU A 324 -3.30 -7.08 -6.66
CA LEU A 324 -3.73 -8.29 -5.99
C LEU A 324 -5.27 -8.39 -5.89
N PRO A 325 -5.85 -9.48 -6.38
CA PRO A 325 -7.28 -9.61 -6.25
C PRO A 325 -7.75 -9.74 -4.80
N THR A 326 -9.02 -9.38 -4.60
CA THR A 326 -9.68 -9.57 -3.35
C THR A 326 -10.63 -10.77 -3.39
N ARG A 327 -10.56 -11.54 -4.49
CA ARG A 327 -11.33 -12.79 -4.67
C ARG A 327 -10.35 -13.99 -4.60
N PRO A 328 -10.47 -14.86 -3.60
CA PRO A 328 -9.60 -16.03 -3.54
C PRO A 328 -9.58 -16.87 -4.82
N ALA A 329 -10.68 -16.90 -5.56
CA ALA A 329 -10.74 -17.70 -6.75
C ALA A 329 -9.80 -17.20 -7.83
N LEU A 330 -9.37 -15.92 -7.77
CA LEU A 330 -8.47 -15.47 -8.81
C LEU A 330 -7.07 -15.97 -8.61
N TYR A 331 -6.74 -16.39 -7.41
CA TYR A 331 -5.38 -16.84 -7.12
C TYR A 331 -5.14 -18.25 -7.63
N THR A 332 -6.19 -18.92 -8.12
CA THR A 332 -6.03 -20.20 -8.81
C THR A 332 -6.29 -20.13 -10.26
N ASP A 333 -6.62 -18.92 -10.76
CA ASP A 333 -6.84 -18.69 -12.20
C ASP A 333 -5.59 -18.86 -13.02
N ARG A 334 -5.66 -19.72 -14.05
CA ARG A 334 -4.48 -20.07 -14.82
C ARG A 334 -3.79 -18.89 -15.45
N ASP A 335 -4.58 -17.93 -15.92
CA ASP A 335 -4.04 -16.79 -16.63
C ASP A 335 -3.37 -15.78 -15.65
N VAL A 336 -4.00 -15.57 -14.51
CA VAL A 336 -3.45 -14.71 -13.45
C VAL A 336 -2.09 -15.27 -13.02
N LEU A 337 -2.03 -16.58 -12.82
CA LEU A 337 -0.84 -17.25 -12.33
C LEU A 337 0.27 -17.34 -13.37
N ALA A 338 -0.08 -17.52 -14.63
CA ALA A 338 0.96 -17.61 -15.63
C ALA A 338 1.64 -16.25 -15.81
N ARG A 339 0.86 -15.18 -15.70
CA ARG A 339 1.44 -13.84 -15.81
C ARG A 339 2.20 -13.45 -14.54
N ASN A 340 1.64 -13.78 -13.35
CA ASN A 340 2.22 -13.45 -12.06
C ASN A 340 2.46 -14.67 -11.17
N PRO A 341 3.52 -15.44 -11.43
CA PRO A 341 3.61 -16.72 -10.67
C PRO A 341 3.83 -16.47 -9.21
N TRP A 342 4.46 -15.32 -8.92
CA TRP A 342 4.69 -14.89 -7.57
C TRP A 342 3.45 -14.64 -6.75
N PHE A 343 2.29 -14.49 -7.38
CA PHE A 343 1.09 -14.44 -6.60
C PHE A 343 0.87 -15.72 -5.81
N ARG A 344 1.27 -16.86 -6.37
CA ARG A 344 1.16 -18.13 -5.66
C ARG A 344 2.27 -18.21 -4.61
N ASP A 345 3.49 -17.82 -4.99
CA ASP A 345 4.64 -17.98 -4.08
C ASP A 345 4.43 -17.11 -2.85
N LEU A 346 3.80 -15.92 -3.00
CA LEU A 346 3.77 -15.02 -1.89
C LEU A 346 2.40 -14.95 -1.25
N LEU A 347 1.50 -15.85 -1.65
CA LEU A 347 0.15 -15.77 -1.12
C LEU A 347 0.13 -15.84 0.42
N PRO A 348 0.93 -16.68 1.03
CA PRO A 348 0.98 -16.68 2.50
C PRO A 348 1.52 -15.36 3.15
N VAL A 349 2.41 -14.70 2.44
CA VAL A 349 2.85 -13.38 2.82
C VAL A 349 1.66 -12.40 2.80
N PHE A 350 0.87 -12.41 1.74
CA PHE A 350 -0.29 -11.59 1.64
C PHE A 350 -1.32 -11.92 2.73
N GLN A 351 -1.51 -13.21 3.01
CA GLN A 351 -2.46 -13.65 4.03
C GLN A 351 -2.04 -13.24 5.44
N ASN A 352 -0.75 -13.22 5.70
CA ASN A 352 -0.27 -12.81 7.00
C ASN A 352 0.17 -11.37 7.11
N ALA A 353 -0.21 -10.56 6.13
CA ALA A 353 0.21 -9.20 6.14
C ALA A 353 -0.29 -8.54 7.44
N VAL A 354 0.42 -7.54 7.93
CA VAL A 354 0.08 -6.94 9.18
C VAL A 354 -0.62 -5.59 8.90
N SER A 355 -1.77 -5.35 9.55
CA SER A 355 -2.49 -4.09 9.38
CA SER A 355 -2.49 -4.07 9.37
C SER A 355 -1.87 -2.96 10.18
N ALA A 356 -1.89 -1.77 9.61
CA ALA A 356 -1.64 -0.54 10.34
C ALA A 356 -2.78 -0.41 11.37
N PRO A 357 -2.60 0.45 12.39
CA PRO A 357 -3.63 0.43 13.46
C PRO A 357 -4.93 1.23 13.19
N SER A 358 -5.51 1.06 12.00
CA SER A 358 -6.71 1.76 11.63
C SER A 358 -7.94 1.22 12.37
N ASP A 359 -8.03 -0.08 12.61
CA ASP A 359 -9.21 -0.63 13.30
C ASP A 359 -9.24 -0.04 14.71
N VAL A 360 -8.10 -0.04 15.39
CA VAL A 360 -8.10 0.33 16.81
C VAL A 360 -8.18 1.84 16.98
N ALA A 361 -7.62 2.57 16.05
CA ALA A 361 -7.71 4.00 16.09
C ALA A 361 -8.98 4.55 15.53
N GLY A 362 -9.69 3.77 14.69
CA GLY A 362 -10.91 4.17 14.04
C GLY A 362 -10.85 5.52 13.31
N ALA A 363 -11.78 6.43 13.64
CA ALA A 363 -11.86 7.72 12.96
C ALA A 363 -10.70 8.60 13.31
N ARG A 364 -9.90 8.26 14.31
CA ARG A 364 -8.71 9.08 14.59
C ARG A 364 -7.43 8.50 13.92
N TYR A 365 -7.57 7.50 13.04
CA TYR A 365 -6.40 6.87 12.46
C TYR A 365 -5.52 7.87 11.74
N ASN A 366 -6.11 8.82 11.03
CA ASN A 366 -5.23 9.72 10.25
C ASN A 366 -4.34 10.57 11.18
N GLN A 367 -4.85 10.96 12.34
CA GLN A 367 -4.02 11.67 13.30
C GLN A 367 -2.92 10.79 13.91
N VAL A 368 -3.24 9.54 14.24
CA VAL A 368 -2.26 8.59 14.73
C VAL A 368 -1.15 8.41 13.69
N SER A 369 -1.55 8.22 12.44
CA SER A 369 -0.57 7.93 11.41
C SER A 369 0.34 9.14 11.17
N GLU A 370 -0.24 10.31 11.19
CA GLU A 370 0.61 11.51 11.06
C GLU A 370 1.66 11.60 12.16
N ALA A 371 1.32 11.23 13.39
CA ALA A 371 2.31 11.21 14.45
C ALA A 371 3.37 10.20 14.20
N ILE A 372 2.93 9.02 13.76
CA ILE A 372 3.89 8.00 13.40
C ILE A 372 4.87 8.43 12.30
N TRP A 373 4.36 8.95 11.17
CA TRP A 373 5.30 9.24 10.09
C TRP A 373 6.19 10.44 10.45
N THR A 374 5.65 11.36 11.21
CA THR A 374 6.50 12.53 11.61
C THR A 374 7.61 12.13 12.59
N GLU A 375 7.29 11.27 13.55
CA GLU A 375 8.37 10.79 14.43
C GLU A 375 9.38 9.87 13.75
N VAL A 376 8.89 8.93 12.94
CA VAL A 376 9.81 8.13 12.11
C VAL A 376 10.70 9.00 11.19
N HIS A 377 10.10 9.96 10.51
CA HIS A 377 10.85 10.84 9.62
C HIS A 377 11.98 11.58 10.35
N SER A 378 11.72 11.98 11.60
CA SER A 378 12.71 12.67 12.38
C SER A 378 13.89 11.75 12.71
N VAL A 379 13.68 10.44 12.72
CA VAL A 379 14.80 9.55 12.86
C VAL A 379 15.54 9.38 11.52
N LEU A 380 14.78 9.24 10.43
CA LEU A 380 15.42 9.07 9.11
C LEU A 380 16.34 10.32 8.78
N THR A 381 15.92 11.49 9.14
CA THR A 381 16.69 12.74 8.93
C THR A 381 17.93 12.90 9.87
N GLY A 382 18.06 12.04 10.88
CA GLY A 382 19.04 12.20 11.92
C GLY A 382 18.69 13.25 12.96
N ARG A 383 17.49 13.74 13.00
CA ARG A 383 17.09 14.76 13.98
CA ARG A 383 17.17 14.75 14.02
C ARG A 383 16.98 14.13 15.39
N LYS A 384 16.42 12.90 15.45
CA LYS A 384 16.27 12.16 16.71
C LYS A 384 16.76 10.75 16.57
N LYS A 385 17.20 10.17 17.67
CA LYS A 385 17.51 8.77 17.72
C LYS A 385 16.19 7.96 17.88
N GLY A 386 16.21 6.69 17.49
CA GLY A 386 15.03 5.86 17.67
C GLY A 386 14.49 5.84 19.08
N GLU A 387 15.38 5.80 20.06
CA GLU A 387 15.02 5.72 21.48
C GLU A 387 14.16 6.88 21.83
N GLN A 388 14.59 8.09 21.46
CA GLN A 388 13.81 9.26 21.77
C GLN A 388 12.52 9.31 20.93
N ALA A 389 12.61 8.93 19.67
CA ALA A 389 11.44 9.03 18.83
C ALA A 389 10.28 8.12 19.29
N VAL A 390 10.62 6.89 19.74
CA VAL A 390 9.53 5.97 20.15
C VAL A 390 8.90 6.42 21.45
N ARG A 391 9.71 7.06 22.31
CA ARG A 391 9.18 7.65 23.54
C ARG A 391 8.28 8.83 23.21
N ASP A 392 8.71 9.71 22.31
CA ASP A 392 7.90 10.83 21.92
C ASP A 392 6.63 10.36 21.19
N LEU A 393 6.81 9.32 20.37
CA LEU A 393 5.67 8.79 19.64
C LEU A 393 4.60 8.20 20.56
N GLU A 394 5.03 7.41 21.53
CA GLU A 394 4.12 6.93 22.57
C GLU A 394 3.33 8.05 23.17
N ALA A 395 4.04 9.10 23.59
CA ALA A 395 3.35 10.21 24.26
C ALA A 395 2.34 10.87 23.30
N ARG A 396 2.71 11.08 22.03
CA ARG A 396 1.77 11.68 21.09
C ARG A 396 0.49 10.83 20.88
N ILE A 397 0.72 9.54 20.66
CA ILE A 397 -0.39 8.63 20.42
C ILE A 397 -1.28 8.53 21.66
N ARG A 398 -0.68 8.55 22.84
CA ARG A 398 -1.51 8.56 24.08
C ARG A 398 -2.43 9.75 24.10
N ARG A 399 -1.92 10.91 23.68
CA ARG A 399 -2.75 12.11 23.71
C ARG A 399 -3.84 11.94 22.66
N ILE A 400 -3.44 11.50 21.45
CA ILE A 400 -4.43 11.37 20.38
C ILE A 400 -5.56 10.42 20.69
N LEU A 401 -5.21 9.31 21.32
CA LEU A 401 -6.20 8.28 21.56
C LEU A 401 -6.82 8.37 22.97
N ARG A 402 -6.47 9.37 23.76
CA ARG A 402 -7.09 9.50 25.06
C ARG A 402 -8.61 9.68 24.86
N HIS A 403 -9.34 8.90 25.59
CA HIS A 403 -10.81 8.88 25.57
C HIS A 403 -11.36 8.23 24.29
N HIS A 404 -10.51 7.68 23.41
CA HIS A 404 -11.07 6.95 22.27
C HIS A 404 -11.36 5.52 22.72
N HIS A 405 -12.61 5.07 22.68
CA HIS A 405 -12.90 3.61 22.86
C HIS A 405 -13.51 2.97 21.63
#